data_3LAT
#
_entry.id   3LAT
#
_cell.length_a   99.453
_cell.length_b   99.453
_cell.length_c   148.783
_cell.angle_alpha   90.00
_cell.angle_beta   90.00
_cell.angle_gamma   90.00
#
_symmetry.space_group_name_H-M   'P 43 21 2'
#
loop_
_entity.id
_entity.type
_entity.pdbx_description
1 polymer 'Bifunctional autolysin'
2 non-polymer IMIDAZOLE
3 non-polymer 'ZINC ION'
4 non-polymer 1,4-BUTANEDIOL
5 non-polymer 'CHLORIDE ION'
6 water water
#
_entity_poly.entity_id   1
_entity_poly.type   'polypeptide(L)'
_entity_poly.pdbx_seq_one_letter_code
;VSSQKTSSLPKYTPKVNSSINNYIRKKNMKAPRIEEDYTSYFPKYGYRNGVGRPEGIVVHDTANDNSTIDGEIAFMKRNY
TNAFVHAFVDGNRIIETAPTDYLSWGAGPYGNQRFINVEIVHTHDYDSFARSMNNYADYAATQLQYYNLKPDSAENDGRG
TVWTHAAISNFLGGTDHADPHQYLRSHNYSYAELYDLIYEKYLIKTKQVAPWG
;
_entity_poly.pdbx_strand_id   A,B
#
loop_
_chem_comp.id
_chem_comp.type
_chem_comp.name
_chem_comp.formula
BU1 non-polymer 1,4-BUTANEDIOL 'C4 H10 O2'
CL non-polymer 'CHLORIDE ION' 'Cl -1'
IMD non-polymer IMIDAZOLE 'C3 H5 N2 1'
ZN non-polymer 'ZINC ION' 'Zn 2'
#
# COMPACT_ATOMS: atom_id res chain seq x y z
N SER A 7 0.13 32.22 -15.02
CA SER A 7 0.38 33.69 -14.98
C SER A 7 1.08 34.17 -16.24
N SER A 8 1.23 35.50 -16.36
CA SER A 8 1.90 36.11 -17.50
C SER A 8 3.40 35.78 -17.56
N LEU A 9 3.96 35.36 -16.43
CA LEU A 9 5.39 35.14 -16.30
C LEU A 9 5.83 33.75 -16.74
N PRO A 10 7.01 33.66 -17.38
CA PRO A 10 7.56 32.35 -17.76
C PRO A 10 7.95 31.54 -16.53
N LYS A 11 7.89 30.22 -16.64
CA LYS A 11 8.38 29.36 -15.59
C LYS A 11 9.90 29.37 -15.61
N TYR A 12 10.52 29.26 -14.45
CA TYR A 12 11.97 29.20 -14.36
C TYR A 12 12.47 27.88 -14.95
N THR A 13 13.51 27.97 -15.78
CA THR A 13 14.21 26.78 -16.27
C THR A 13 15.35 26.46 -15.30
N PRO A 14 15.24 25.33 -14.57
CA PRO A 14 16.30 24.94 -13.63
C PRO A 14 17.63 24.74 -14.33
N LYS A 15 18.70 25.27 -13.72
CA LYS A 15 20.04 25.18 -14.29
C LYS A 15 20.77 23.95 -13.78
N VAL A 16 20.18 23.31 -12.77
CA VAL A 16 20.78 22.16 -12.12
C VAL A 16 19.74 21.05 -12.04
N ASN A 17 20.10 19.86 -12.52
CA ASN A 17 19.27 18.68 -12.36
C ASN A 17 19.16 18.34 -10.89
N SER A 18 17.92 18.21 -10.41
CA SER A 18 17.67 18.01 -9.00
C SER A 18 16.31 17.38 -8.74
N SER A 19 16.31 16.11 -8.35
CA SER A 19 15.06 15.44 -8.00
C SER A 19 14.48 16.00 -6.70
N ILE A 20 15.35 16.45 -5.80
CA ILE A 20 14.86 17.06 -4.56
C ILE A 20 14.19 18.41 -4.84
N ASN A 21 14.81 19.25 -5.67
CA ASN A 21 14.19 20.53 -6.05
C ASN A 21 12.87 20.30 -6.80
N ASN A 22 12.85 19.30 -7.66
CA ASN A 22 11.63 18.91 -8.39
CA ASN A 22 11.62 18.93 -8.37
C ASN A 22 10.49 18.59 -7.41
N TYR A 23 10.83 17.82 -6.37
CA TYR A 23 9.90 17.46 -5.31
C TYR A 23 9.37 18.68 -4.56
N ILE A 24 10.27 19.61 -4.24
CA ILE A 24 9.87 20.87 -3.60
C ILE A 24 8.89 21.66 -4.47
N ARG A 25 9.22 21.83 -5.75
CA ARG A 25 8.39 22.61 -6.68
C ARG A 25 7.02 21.95 -6.89
N LYS A 26 7.03 20.63 -7.08
CA LYS A 26 5.79 19.89 -7.35
C LYS A 26 4.83 19.92 -6.17
N LYS A 27 5.40 19.87 -4.96
CA LYS A 27 4.62 19.95 -3.73
C LYS A 27 4.16 21.38 -3.43
N ASN A 28 4.65 22.34 -4.21
CA ASN A 28 4.35 23.76 -4.00
C ASN A 28 4.60 24.15 -2.54
N MET A 29 5.77 23.82 -2.04
CA MET A 29 6.07 24.03 -0.63
C MET A 29 6.05 25.50 -0.28
N LYS A 30 5.37 25.83 0.83
CA LYS A 30 5.27 27.19 1.31
C LYS A 30 6.13 27.36 2.56
N ALA A 31 7.10 28.26 2.51
CA ALA A 31 7.94 28.54 3.67
C ALA A 31 7.08 29.18 4.76
N PRO A 32 7.40 28.90 6.04
CA PRO A 32 6.66 29.55 7.12
C PRO A 32 7.06 31.03 7.25
N ARG A 33 6.28 31.76 8.06
CA ARG A 33 6.59 33.15 8.37
C ARG A 33 7.95 33.25 9.07
N ILE A 34 8.66 34.33 8.83
CA ILE A 34 9.91 34.60 9.54
C ILE A 34 9.56 35.11 10.95
N GLU A 35 9.99 34.37 11.97
CA GLU A 35 9.74 34.75 13.36
C GLU A 35 10.91 35.55 13.90
N GLU A 36 10.65 36.50 14.79
CA GLU A 36 11.73 37.21 15.50
C GLU A 36 11.88 36.70 16.93
N ASP A 37 13.09 36.29 17.29
CA ASP A 37 13.38 35.90 18.66
C ASP A 37 14.72 36.53 19.04
N TYR A 38 14.69 37.79 19.44
CA TYR A 38 15.89 38.54 19.70
C TYR A 38 16.27 38.52 21.17
N THR A 39 17.48 38.97 21.44
CA THR A 39 18.04 38.90 22.80
C THR A 39 18.67 40.24 23.15
N SER A 40 18.24 40.80 24.28
CA SER A 40 18.61 42.16 24.68
C SER A 40 20.12 42.40 24.83
N TYR A 41 20.87 41.35 25.19
CA TYR A 41 22.29 41.52 25.49
C TYR A 41 23.23 41.17 24.34
N PHE A 42 22.70 40.76 23.18
CA PHE A 42 23.56 40.51 22.02
C PHE A 42 24.15 41.85 21.58
N PRO A 43 25.42 41.85 21.14
CA PRO A 43 26.05 43.10 20.67
C PRO A 43 25.49 43.51 19.32
N LYS A 44 25.52 44.81 19.04
CA LYS A 44 24.96 45.38 17.81
C LYS A 44 26.00 46.26 17.15
N TYR A 45 26.79 45.64 16.27
CA TYR A 45 27.87 46.31 15.54
C TYR A 45 27.56 46.33 14.06
N GLY A 46 27.90 47.43 13.39
CA GLY A 46 27.68 47.52 11.96
C GLY A 46 28.59 46.59 11.17
N TYR A 47 28.19 46.32 9.93
CA TYR A 47 29.07 45.68 8.96
C TYR A 47 30.19 46.62 8.56
N ARG A 48 31.13 46.12 7.78
CA ARG A 48 32.30 46.95 7.47
C ARG A 48 31.92 48.20 6.66
N ASN A 49 30.83 48.13 5.88
CA ASN A 49 30.36 49.29 5.12
C ASN A 49 29.28 50.09 5.85
N GLY A 50 28.91 49.62 7.05
CA GLY A 50 28.03 50.34 7.95
C GLY A 50 26.86 49.51 8.46
N VAL A 51 26.19 50.03 9.48
CA VAL A 51 24.92 49.45 9.93
C VAL A 51 23.95 49.45 8.75
N GLY A 52 23.22 48.35 8.56
CA GLY A 52 22.27 48.22 7.48
C GLY A 52 22.87 47.89 6.12
N ARG A 53 24.17 47.56 6.08
CA ARG A 53 24.84 47.33 4.80
C ARG A 53 25.50 45.95 4.65
N PRO A 54 24.72 44.86 4.84
CA PRO A 54 25.29 43.54 4.57
C PRO A 54 25.58 43.37 3.09
N GLU A 55 26.53 42.50 2.77
CA GLU A 55 26.99 42.31 1.39
C GLU A 55 26.53 40.98 0.83
N GLY A 56 25.84 40.20 1.66
CA GLY A 56 25.39 38.89 1.22
C GLY A 56 25.03 38.01 2.40
N ILE A 57 24.95 36.71 2.12
CA ILE A 57 24.43 35.75 3.09
C ILE A 57 25.28 34.48 3.08
N VAL A 58 25.43 33.86 4.26
CA VAL A 58 26.26 32.66 4.42
C VAL A 58 25.39 31.44 4.66
N VAL A 59 25.75 30.33 4.02
CA VAL A 59 25.09 29.04 4.26
C VAL A 59 25.90 28.22 5.26
N HIS A 60 25.31 28.00 6.43
CA HIS A 60 25.90 27.12 7.45
C HIS A 60 25.00 25.91 7.69
N ASP A 61 25.59 24.85 8.23
CA ASP A 61 24.76 23.83 8.91
C ASP A 61 25.20 23.75 10.37
N THR A 62 24.27 23.39 11.25
CA THR A 62 24.55 23.40 12.68
C THR A 62 25.61 22.36 13.05
N ALA A 63 26.37 22.66 14.09
CA ALA A 63 27.51 21.85 14.48
C ALA A 63 27.11 20.44 14.91
N ASN A 64 25.92 20.34 15.48
CA ASN A 64 25.40 19.10 16.02
C ASN A 64 24.40 18.46 15.06
N ASP A 65 24.46 17.14 14.93
CA ASP A 65 23.49 16.44 14.09
C ASP A 65 22.20 16.11 14.81
N ASN A 66 22.18 16.30 16.12
CA ASN A 66 21.03 15.85 16.90
C ASN A 66 20.29 16.92 17.70
N SER A 67 20.50 18.18 17.35
CA SER A 67 19.90 19.28 18.08
C SER A 67 18.55 19.65 17.48
N THR A 68 17.73 20.36 18.25
CA THR A 68 16.53 20.95 17.72
C THR A 68 16.78 22.44 17.55
N ILE A 69 15.92 23.09 16.78
CA ILE A 69 16.05 24.55 16.60
C ILE A 69 15.97 25.26 17.96
N ASP A 70 15.10 24.76 18.85
CA ASP A 70 14.97 25.36 20.17
C ASP A 70 16.22 25.15 21.02
N GLY A 71 16.80 23.97 20.93
CA GLY A 71 18.05 23.66 21.65
C GLY A 71 19.20 24.51 21.15
N GLU A 72 19.30 24.65 19.82
CA GLU A 72 20.34 25.49 19.22
C GLU A 72 20.25 26.92 19.76
N ILE A 73 19.03 27.45 19.77
CA ILE A 73 18.84 28.84 20.18
C ILE A 73 19.17 29.02 21.67
N ALA A 74 18.71 28.10 22.50
CA ALA A 74 19.01 28.18 23.92
C ALA A 74 20.53 28.13 24.19
N PHE A 75 21.23 27.24 23.48
CA PHE A 75 22.67 27.08 23.66
C PHE A 75 23.37 28.36 23.23
N MET A 76 22.89 28.94 22.13
CA MET A 76 23.49 30.17 21.59
C MET A 76 23.32 31.35 22.55
N LYS A 77 22.14 31.47 23.15
CA LYS A 77 21.92 32.56 24.11
C LYS A 77 22.86 32.42 25.31
N ARG A 78 23.16 31.19 25.72
CA ARG A 78 24.09 30.95 26.81
C ARG A 78 25.54 31.23 26.42
N ASN A 79 25.85 31.07 25.13
CA ASN A 79 27.24 31.11 24.66
C ASN A 79 27.49 32.19 23.61
N TYR A 80 26.68 33.24 23.65
CA TYR A 80 26.72 34.26 22.59
C TYR A 80 28.06 34.99 22.46
N THR A 81 28.84 35.04 23.54
CA THR A 81 30.14 35.72 23.46
C THR A 81 31.14 34.90 22.64
N ASN A 82 30.86 33.62 22.43
CA ASN A 82 31.66 32.79 21.53
C ASN A 82 31.12 32.83 20.11
N ALA A 83 29.81 32.68 19.97
CA ALA A 83 29.18 32.68 18.65
C ALA A 83 27.69 32.95 18.74
N PHE A 84 27.20 33.70 17.76
CA PHE A 84 25.77 33.82 17.56
C PHE A 84 25.53 34.10 16.09
N VAL A 85 24.32 33.80 15.62
CA VAL A 85 23.99 33.94 14.20
C VAL A 85 22.70 34.72 14.00
N HIS A 86 22.40 35.07 12.75
CA HIS A 86 21.21 35.85 12.46
C HIS A 86 19.93 35.05 12.44
N ALA A 87 20.01 33.79 11.99
CA ALA A 87 18.79 32.99 11.81
C ALA A 87 19.07 31.50 11.77
N PHE A 88 18.05 30.74 12.15
CA PHE A 88 18.04 29.29 12.01
C PHE A 88 16.82 28.89 11.20
N VAL A 89 16.98 27.86 10.38
CA VAL A 89 15.84 27.25 9.70
C VAL A 89 15.85 25.75 9.94
N ASP A 90 14.66 25.16 10.09
CA ASP A 90 14.55 23.72 10.02
C ASP A 90 13.42 23.35 9.06
N GLY A 91 12.83 22.16 9.21
CA GLY A 91 11.75 21.76 8.32
C GLY A 91 10.43 22.46 8.59
N ASN A 92 10.31 23.14 9.72
CA ASN A 92 9.04 23.72 10.15
C ASN A 92 9.04 25.21 10.42
N ARG A 93 10.20 25.75 10.75
CA ARG A 93 10.30 27.13 11.23
C ARG A 93 11.47 27.87 10.61
N ILE A 94 11.32 29.19 10.50
CA ILE A 94 12.40 30.12 10.20
C ILE A 94 12.41 31.13 11.35
N ILE A 95 13.53 31.19 12.07
CA ILE A 95 13.60 32.04 13.26
C ILE A 95 14.80 32.95 13.18
N GLU A 96 14.54 34.25 13.12
CA GLU A 96 15.62 35.23 13.12
C GLU A 96 15.98 35.61 14.55
N THR A 97 17.25 35.39 14.91
CA THR A 97 17.74 35.54 16.28
C THR A 97 18.60 36.80 16.49
N ALA A 98 18.92 37.49 15.41
CA ALA A 98 19.62 38.76 15.54
C ALA A 98 19.28 39.64 14.34
N PRO A 99 19.17 40.97 14.56
CA PRO A 99 18.77 41.84 13.46
C PRO A 99 19.81 41.85 12.34
N THR A 100 19.35 41.76 11.09
CA THR A 100 20.24 41.62 9.95
C THR A 100 20.98 42.92 9.59
N ASP A 101 20.57 44.05 10.18
CA ASP A 101 21.25 45.33 9.95
C ASP A 101 22.60 45.43 10.69
N TYR A 102 22.83 44.51 11.62
CA TYR A 102 24.09 44.47 12.37
C TYR A 102 24.74 43.11 12.13
N LEU A 103 26.05 43.00 12.36
CA LEU A 103 26.71 41.72 12.08
C LEU A 103 26.36 40.64 13.13
N SER A 104 26.77 39.40 12.86
CA SER A 104 26.72 38.34 13.88
C SER A 104 28.08 37.64 13.93
N TRP A 105 28.25 36.73 14.89
CA TRP A 105 29.53 36.09 15.12
C TRP A 105 29.46 34.62 14.72
N GLY A 106 29.55 34.35 13.42
CA GLY A 106 29.40 32.98 12.94
C GLY A 106 30.32 32.48 11.83
N ALA A 107 31.20 33.34 11.31
CA ALA A 107 32.00 32.96 10.12
C ALA A 107 33.44 33.47 10.16
N GLY A 108 33.95 33.73 11.37
CA GLY A 108 35.29 34.31 11.51
C GLY A 108 35.23 35.81 11.26
N PRO A 109 36.33 36.52 11.58
CA PRO A 109 36.32 37.99 11.57
C PRO A 109 35.98 38.61 10.21
N TYR A 110 36.42 38.00 9.13
CA TYR A 110 36.26 38.61 7.80
C TYR A 110 34.86 38.36 7.24
N GLY A 111 34.38 37.13 7.38
CA GLY A 111 33.00 36.80 7.02
C GLY A 111 32.00 37.64 7.83
N ASN A 112 32.25 37.76 9.14
CA ASN A 112 31.31 38.47 10.02
C ASN A 112 31.12 39.92 9.60
N GLN A 113 32.19 40.55 9.13
CA GLN A 113 32.12 41.96 8.72
C GLN A 113 31.25 42.19 7.49
N ARG A 114 30.92 41.11 6.78
CA ARG A 114 30.28 41.24 5.45
C ARG A 114 28.91 40.60 5.28
N PHE A 115 28.66 39.48 5.96
CA PHE A 115 27.54 38.62 5.55
C PHE A 115 26.59 38.22 6.67
N ILE A 116 25.33 38.05 6.30
CA ILE A 116 24.31 37.53 7.22
C ILE A 116 24.55 36.03 7.43
N ASN A 117 24.60 35.59 8.69
CA ASN A 117 24.89 34.20 9.03
C ASN A 117 23.62 33.42 9.30
N VAL A 118 23.34 32.42 8.46
CA VAL A 118 22.12 31.61 8.60
C VAL A 118 22.45 30.13 8.74
N GLU A 119 21.81 29.49 9.72
CA GLU A 119 22.07 28.10 10.07
C GLU A 119 20.96 27.17 9.61
N ILE A 120 21.36 26.07 8.96
CA ILE A 120 20.44 24.97 8.65
C ILE A 120 20.52 23.93 9.78
N VAL A 121 19.42 23.78 10.51
CA VAL A 121 19.32 22.74 11.53
C VAL A 121 19.18 21.39 10.85
N HIS A 122 19.80 20.34 11.42
CA HIS A 122 19.80 19.03 10.75
C HIS A 122 18.42 18.39 10.82
N THR A 123 18.08 17.64 9.78
CA THR A 123 16.81 16.91 9.71
C THR A 123 17.09 15.45 9.43
N HIS A 124 16.08 14.60 9.60
CA HIS A 124 16.30 13.17 9.61
C HIS A 124 15.27 12.36 8.81
N ASP A 125 14.54 13.04 7.93
CA ASP A 125 13.71 12.36 6.95
C ASP A 125 13.65 13.18 5.66
N TYR A 126 13.25 12.53 4.58
CA TYR A 126 13.26 13.12 3.25
C TYR A 126 12.45 14.41 3.16
N ASP A 127 11.22 14.38 3.66
CA ASP A 127 10.35 15.55 3.56
C ASP A 127 10.86 16.73 4.39
N SER A 128 11.26 16.45 5.63
N SER A 128 11.27 16.46 5.63
CA SER A 128 11.76 17.50 6.52
CA SER A 128 11.75 17.52 6.51
C SER A 128 13.00 18.15 5.92
C SER A 128 13.02 18.16 5.95
N PHE A 129 13.87 17.33 5.35
CA PHE A 129 15.08 17.85 4.70
C PHE A 129 14.73 18.78 3.54
N ALA A 130 13.83 18.32 2.67
CA ALA A 130 13.40 19.13 1.53
C ALA A 130 12.78 20.45 1.98
N ARG A 131 11.92 20.39 3.02
CA ARG A 131 11.32 21.62 3.56
C ARG A 131 12.40 22.56 4.10
N SER A 132 13.41 22.02 4.79
CA SER A 132 14.48 22.86 5.34
C SER A 132 15.27 23.57 4.23
N MET A 133 15.40 22.90 3.07
CA MET A 133 16.09 23.50 1.91
C MET A 133 15.24 24.63 1.34
N ASN A 134 13.94 24.37 1.21
CA ASN A 134 13.00 25.38 0.76
C ASN A 134 13.02 26.57 1.71
N ASN A 135 13.07 26.29 3.02
CA ASN A 135 13.05 27.34 4.03
C ASN A 135 14.31 28.17 4.01
N TYR A 136 15.47 27.52 3.91
CA TYR A 136 16.72 28.27 3.78
C TYR A 136 16.65 29.17 2.54
N ALA A 137 16.26 28.58 1.41
CA ALA A 137 16.26 29.30 0.14
C ALA A 137 15.29 30.48 0.17
N ASP A 138 14.14 30.28 0.81
CA ASP A 138 13.13 31.34 0.93
C ASP A 138 13.66 32.48 1.82
N TYR A 139 14.22 32.15 2.97
CA TYR A 139 14.80 33.18 3.83
C TYR A 139 15.91 33.97 3.09
N ALA A 140 16.80 33.23 2.42
CA ALA A 140 17.92 33.86 1.71
C ALA A 140 17.41 34.81 0.63
N ALA A 141 16.47 34.34 -0.19
CA ALA A 141 15.90 35.17 -1.24
C ALA A 141 15.22 36.43 -0.68
N THR A 142 14.53 36.26 0.45
CA THR A 142 13.87 37.37 1.13
C THR A 142 14.89 38.43 1.55
N GLN A 143 16.01 37.99 2.13
CA GLN A 143 17.03 38.94 2.58
C GLN A 143 17.68 39.66 1.41
N LEU A 144 17.95 38.92 0.33
CA LEU A 144 18.57 39.52 -0.85
C LEU A 144 17.63 40.59 -1.40
N GLN A 145 16.35 40.26 -1.51
CA GLN A 145 15.35 41.22 -1.98
C GLN A 145 15.28 42.46 -1.06
N TYR A 146 15.20 42.22 0.24
CA TYR A 146 15.08 43.33 1.19
C TYR A 146 16.26 44.30 1.13
N TYR A 147 17.46 43.75 0.97
CA TYR A 147 18.69 44.56 0.93
C TYR A 147 19.09 45.02 -0.47
N ASN A 148 18.21 44.81 -1.45
CA ASN A 148 18.46 45.23 -2.82
CA ASN A 148 18.46 45.22 -2.84
C ASN A 148 19.79 44.62 -3.33
N LEU A 149 20.00 43.35 -3.00
CA LEU A 149 21.12 42.57 -3.48
C LEU A 149 20.60 41.56 -4.50
N LYS A 150 21.43 41.21 -5.47
CA LYS A 150 21.08 40.19 -6.45
C LYS A 150 21.88 38.93 -6.17
N PRO A 151 21.27 37.75 -6.34
CA PRO A 151 21.97 36.49 -6.07
C PRO A 151 23.12 36.27 -7.04
N ASP A 152 24.27 35.90 -6.48
CA ASP A 152 25.49 35.65 -7.22
C ASP A 152 26.32 34.75 -6.32
N SER A 153 26.54 33.51 -6.76
CA SER A 153 27.26 32.51 -5.96
C SER A 153 28.75 32.76 -5.94
N ALA A 154 29.32 32.80 -4.73
CA ALA A 154 30.74 33.08 -4.56
C ALA A 154 31.63 31.83 -4.58
N GLU A 155 31.03 30.67 -4.82
CA GLU A 155 31.70 29.40 -4.56
C GLU A 155 33.00 29.22 -5.33
N ASN A 156 33.03 29.67 -6.57
CA ASN A 156 34.15 29.39 -7.44
C ASN A 156 35.12 30.54 -7.66
N ASP A 157 34.70 31.77 -7.37
CA ASP A 157 35.58 32.92 -7.60
C ASP A 157 35.66 33.94 -6.47
N GLY A 158 34.97 33.67 -5.35
CA GLY A 158 35.05 34.57 -4.20
C GLY A 158 34.43 35.93 -4.42
N ARG A 159 33.48 36.00 -5.36
CA ARG A 159 32.71 37.22 -5.60
C ARG A 159 31.24 36.89 -5.56
N GLY A 160 30.45 37.79 -4.98
CA GLY A 160 29.01 37.63 -4.99
C GLY A 160 28.36 37.78 -3.63
N THR A 161 27.13 37.31 -3.56
CA THR A 161 26.26 37.59 -2.43
C THR A 161 25.76 36.33 -1.72
N VAL A 162 26.01 35.16 -2.28
CA VAL A 162 25.66 33.89 -1.61
C VAL A 162 26.92 33.08 -1.40
N TRP A 163 27.26 32.85 -0.13
CA TRP A 163 28.52 32.24 0.26
C TRP A 163 28.29 31.03 1.14
N THR A 164 28.90 29.90 0.82
CA THR A 164 29.01 28.83 1.81
C THR A 164 30.08 29.23 2.82
N HIS A 165 30.02 28.64 4.02
CA HIS A 165 31.12 28.81 4.95
C HIS A 165 32.44 28.32 4.28
N ALA A 166 32.36 27.24 3.52
CA ALA A 166 33.53 26.75 2.76
C ALA A 166 34.17 27.83 1.89
N ALA A 167 33.33 28.59 1.18
CA ALA A 167 33.80 29.69 0.31
C ALA A 167 34.48 30.79 1.12
N ILE A 168 33.91 31.12 2.27
CA ILE A 168 34.56 32.10 3.17
C ILE A 168 35.94 31.58 3.57
N SER A 169 35.99 30.32 4.00
CA SER A 169 37.27 29.72 4.41
C SER A 169 38.32 29.78 3.27
N ASN A 170 37.86 29.47 2.07
CA ASN A 170 38.73 29.42 0.88
CA ASN A 170 38.76 29.42 0.93
C ASN A 170 39.23 30.78 0.44
N PHE A 171 38.32 31.75 0.37
CA PHE A 171 38.65 33.05 -0.23
C PHE A 171 39.00 34.16 0.74
N LEU A 172 38.42 34.13 1.93
CA LEU A 172 38.69 35.16 2.93
C LEU A 172 39.58 34.69 4.07
N GLY A 173 39.50 33.40 4.40
CA GLY A 173 40.21 32.91 5.58
C GLY A 173 39.58 33.45 6.84
N GLY A 174 40.34 33.43 7.95
CA GLY A 174 39.81 33.78 9.26
C GLY A 174 38.95 32.67 9.86
N THR A 175 38.81 31.58 9.11
CA THR A 175 37.98 30.41 9.48
C THR A 175 38.32 29.28 8.51
N ASP A 176 38.03 28.04 8.91
CA ASP A 176 38.33 26.90 8.06
C ASP A 176 37.17 25.92 7.86
N HIS A 177 36.00 26.23 8.41
CA HIS A 177 34.87 25.31 8.32
C HIS A 177 34.46 25.16 6.86
N ALA A 178 34.01 23.96 6.49
CA ALA A 178 33.68 23.65 5.10
C ALA A 178 32.18 23.36 4.91
N ASP A 179 31.38 23.72 5.90
CA ASP A 179 29.93 23.55 5.78
C ASP A 179 29.39 24.46 4.66
N PRO A 180 28.26 24.07 4.04
CA PRO A 180 27.40 22.92 4.34
C PRO A 180 27.62 21.69 3.42
N HIS A 181 28.72 21.65 2.68
CA HIS A 181 28.85 20.66 1.60
C HIS A 181 28.63 19.20 2.01
N GLN A 182 29.37 18.76 3.03
CA GLN A 182 29.28 17.35 3.43
C GLN A 182 27.90 17.05 3.98
N TYR A 183 27.34 17.98 4.76
CA TYR A 183 25.97 17.84 5.26
C TYR A 183 24.97 17.63 4.10
N LEU A 184 24.99 18.52 3.11
CA LEU A 184 24.05 18.39 1.98
C LEU A 184 24.28 17.08 1.21
N ARG A 185 25.54 16.72 0.98
CA ARG A 185 25.87 15.45 0.32
C ARG A 185 25.31 14.23 1.06
N SER A 186 25.33 14.28 2.39
CA SER A 186 24.81 13.17 3.20
C SER A 186 23.28 12.99 3.05
N HIS A 187 22.60 14.03 2.53
CA HIS A 187 21.18 13.95 2.22
C HIS A 187 20.90 13.91 0.71
N ASN A 188 21.90 13.47 -0.05
CA ASN A 188 21.82 13.35 -1.52
C ASN A 188 21.51 14.66 -2.25
N TYR A 189 22.02 15.76 -1.69
CA TYR A 189 21.77 17.09 -2.20
C TYR A 189 23.12 17.78 -2.37
N SER A 190 23.09 19.07 -2.70
CA SER A 190 24.32 19.82 -2.96
C SER A 190 24.06 21.30 -2.86
N TYR A 191 25.14 22.05 -2.61
CA TYR A 191 25.06 23.50 -2.65
C TYR A 191 24.61 24.01 -4.03
N ALA A 192 25.06 23.36 -5.09
CA ALA A 192 24.69 23.78 -6.44
C ALA A 192 23.18 23.76 -6.60
N GLU A 193 22.54 22.72 -6.05
CA GLU A 193 21.08 22.62 -6.07
C GLU A 193 20.41 23.69 -5.19
N LEU A 194 20.96 23.89 -4.00
CA LEU A 194 20.43 24.91 -3.07
C LEU A 194 20.50 26.29 -3.72
N TYR A 195 21.63 26.62 -4.33
CA TYR A 195 21.76 27.91 -5.00
C TYR A 195 20.72 28.08 -6.12
N ASP A 196 20.50 27.02 -6.89
CA ASP A 196 19.54 27.11 -7.98
C ASP A 196 18.14 27.42 -7.43
N LEU A 197 17.85 26.87 -6.25
CA LEU A 197 16.58 27.14 -5.57
C LEU A 197 16.48 28.57 -5.02
N ILE A 198 17.57 29.06 -4.42
CA ILE A 198 17.65 30.46 -3.99
C ILE A 198 17.41 31.39 -5.19
N TYR A 199 18.07 31.10 -6.30
CA TYR A 199 18.00 31.94 -7.48
C TYR A 199 16.57 32.01 -8.00
N GLU A 200 15.92 30.85 -8.12
CA GLU A 200 14.53 30.80 -8.58
C GLU A 200 13.58 31.55 -7.65
N LYS A 201 13.74 31.34 -6.35
CA LYS A 201 12.87 32.01 -5.38
C LYS A 201 13.04 33.52 -5.40
N TYR A 202 14.28 33.98 -5.58
CA TYR A 202 14.55 35.41 -5.78
C TYR A 202 13.79 35.94 -7.00
N LEU A 203 13.84 35.20 -8.09
CA LEU A 203 13.14 35.58 -9.33
C LEU A 203 11.62 35.59 -9.16
N ILE A 204 11.09 34.66 -8.38
CA ILE A 204 9.64 34.63 -8.07
C ILE A 204 9.24 35.84 -7.23
N LYS A 205 10.02 36.13 -6.19
CA LYS A 205 9.73 37.24 -5.29
C LYS A 205 9.80 38.60 -5.98
N THR A 206 10.68 38.72 -6.97
CA THR A 206 10.85 39.97 -7.72
C THR A 206 10.01 39.96 -9.00
N LYS A 207 9.12 38.97 -9.10
CA LYS A 207 8.12 38.88 -10.17
C LYS A 207 8.72 38.85 -11.58
N GLN A 208 9.77 38.05 -11.74
CA GLN A 208 10.43 37.85 -13.03
C GLN A 208 10.09 36.48 -13.61
N VAL A 209 9.77 35.53 -12.75
CA VAL A 209 9.32 34.22 -13.20
C VAL A 209 8.05 33.83 -12.44
N ALA A 210 7.33 32.84 -12.98
CA ALA A 210 6.07 32.40 -12.42
C ALA A 210 6.24 31.68 -11.09
N PRO A 211 5.33 31.92 -10.13
CA PRO A 211 5.28 31.18 -8.87
C PRO A 211 4.93 29.71 -9.12
N TRP A 212 5.14 28.87 -8.10
CA TRP A 212 4.74 27.47 -8.21
C TRP A 212 3.23 27.35 -7.94
N GLY A 213 2.69 26.16 -8.12
CA GLY A 213 1.28 25.90 -7.84
C GLY A 213 0.78 24.66 -8.52
N SER B 7 -27.96 -3.35 -7.99
CA SER B 7 -29.06 -4.32 -7.65
C SER B 7 -29.98 -3.77 -6.56
N SER B 8 -31.27 -4.07 -6.69
CA SER B 8 -32.28 -3.66 -5.71
C SER B 8 -32.39 -4.66 -4.57
N LEU B 9 -31.70 -5.79 -4.70
CA LEU B 9 -31.72 -6.83 -3.70
C LEU B 9 -30.66 -6.58 -2.62
N PRO B 10 -30.96 -6.97 -1.36
CA PRO B 10 -30.00 -6.84 -0.27
C PRO B 10 -28.76 -7.69 -0.49
N LYS B 11 -27.63 -7.23 0.05
CA LYS B 11 -26.39 -7.98 0.01
C LYS B 11 -26.47 -9.10 1.03
N TYR B 12 -25.99 -10.29 0.68
CA TYR B 12 -25.91 -11.37 1.65
C TYR B 12 -24.88 -11.02 2.70
N THR B 13 -25.23 -11.19 3.97
CA THR B 13 -24.24 -11.03 5.02
C THR B 13 -23.72 -12.42 5.44
N PRO B 14 -22.43 -12.67 5.19
CA PRO B 14 -21.82 -13.96 5.50
C PRO B 14 -22.03 -14.35 6.96
N LYS B 15 -22.33 -15.62 7.19
CA LYS B 15 -22.53 -16.16 8.53
C LYS B 15 -21.25 -16.73 9.11
N VAL B 16 -20.23 -16.87 8.27
CA VAL B 16 -18.95 -17.44 8.69
C VAL B 16 -17.84 -16.50 8.22
N ASN B 17 -16.93 -16.14 9.14
CA ASN B 17 -15.70 -15.43 8.77
C ASN B 17 -14.89 -16.28 7.81
N SER B 18 -14.52 -15.72 6.68
CA SER B 18 -13.81 -16.47 5.66
C SER B 18 -13.03 -15.56 4.73
N SER B 19 -11.71 -15.57 4.86
CA SER B 19 -10.87 -14.79 3.96
C SER B 19 -10.88 -15.36 2.54
N ILE B 20 -11.03 -16.68 2.42
CA ILE B 20 -11.12 -17.29 1.10
C ILE B 20 -12.44 -16.92 0.42
N ASN B 21 -13.56 -17.01 1.14
CA ASN B 21 -14.85 -16.59 0.58
C ASN B 21 -14.82 -15.12 0.18
N ASN B 22 -14.19 -14.28 1.02
CA ASN B 22 -14.03 -12.86 0.71
CA ASN B 22 -14.06 -12.87 0.69
C ASN B 22 -13.32 -12.68 -0.63
N TYR B 23 -12.24 -13.44 -0.81
CA TYR B 23 -11.43 -13.41 -2.03
C TYR B 23 -12.26 -13.82 -3.25
N ILE B 24 -13.03 -14.90 -3.12
CA ILE B 24 -13.94 -15.35 -4.19
C ILE B 24 -14.94 -14.26 -4.57
N ARG B 25 -15.59 -13.66 -3.57
CA ARG B 25 -16.61 -12.63 -3.83
C ARG B 25 -16.00 -11.38 -4.46
N LYS B 26 -14.85 -10.97 -3.94
CA LYS B 26 -14.18 -9.74 -4.40
C LYS B 26 -13.66 -9.89 -5.83
N LYS B 27 -13.23 -11.11 -6.19
CA LYS B 27 -12.83 -11.40 -7.57
C LYS B 27 -14.02 -11.59 -8.52
N ASN B 28 -15.24 -11.60 -7.97
CA ASN B 28 -16.46 -11.84 -8.75
C ASN B 28 -16.29 -13.09 -9.60
N MET B 29 -15.87 -14.18 -8.95
CA MET B 29 -15.56 -15.41 -9.65
C MET B 29 -16.81 -15.95 -10.33
N LYS B 30 -16.67 -16.31 -11.59
CA LYS B 30 -17.76 -16.90 -12.37
C LYS B 30 -17.48 -18.38 -12.62
N ALA B 31 -18.39 -19.24 -12.17
CA ALA B 31 -18.22 -20.68 -12.41
C ALA B 31 -18.35 -20.96 -13.91
N PRO B 32 -17.65 -22.00 -14.41
CA PRO B 32 -17.75 -22.32 -15.83
C PRO B 32 -19.07 -23.02 -16.10
N ARG B 33 -19.38 -23.21 -17.38
CA ARG B 33 -20.58 -23.97 -17.78
C ARG B 33 -20.49 -25.42 -17.28
N ILE B 34 -21.64 -26.00 -16.98
CA ILE B 34 -21.72 -27.40 -16.60
C ILE B 34 -21.62 -28.22 -17.88
N GLU B 35 -20.60 -29.07 -17.99
CA GLU B 35 -20.39 -29.90 -19.18
C GLU B 35 -21.01 -31.27 -18.93
N GLU B 36 -21.51 -31.92 -19.98
CA GLU B 36 -21.99 -33.30 -19.86
C GLU B 36 -21.00 -34.26 -20.50
N ASP B 37 -20.55 -35.27 -19.73
CA ASP B 37 -19.70 -36.32 -20.26
C ASP B 37 -20.22 -37.65 -19.73
N TYR B 38 -21.25 -38.18 -20.39
CA TYR B 38 -21.94 -39.36 -19.90
C TYR B 38 -21.41 -40.63 -20.55
N THR B 39 -21.79 -41.78 -19.98
CA THR B 39 -21.27 -43.07 -20.43
C THR B 39 -22.44 -44.05 -20.63
N SER B 40 -22.49 -44.64 -21.82
CA SER B 40 -23.63 -45.46 -22.24
C SER B 40 -23.90 -46.66 -21.32
N TYR B 41 -22.85 -47.21 -20.70
CA TYR B 41 -23.00 -48.43 -19.90
C TYR B 41 -23.17 -48.23 -18.38
N PHE B 42 -23.19 -46.98 -17.92
CA PHE B 42 -23.50 -46.74 -16.51
C PHE B 42 -24.94 -47.15 -16.24
N PRO B 43 -25.21 -47.76 -15.06
CA PRO B 43 -26.60 -48.13 -14.78
C PRO B 43 -27.42 -46.89 -14.43
N LYS B 44 -28.73 -47.00 -14.67
CA LYS B 44 -29.64 -45.89 -14.41
C LYS B 44 -30.79 -46.36 -13.54
N TYR B 45 -30.60 -46.24 -12.23
CA TYR B 45 -31.61 -46.59 -11.22
C TYR B 45 -32.14 -45.35 -10.56
N GLY B 46 -33.47 -45.31 -10.34
CA GLY B 46 -34.06 -44.17 -9.64
C GLY B 46 -33.61 -44.12 -8.19
N TYR B 47 -33.75 -42.96 -7.56
CA TYR B 47 -33.55 -42.85 -6.11
C TYR B 47 -34.66 -43.60 -5.38
N ARG B 48 -34.55 -43.70 -4.06
CA ARG B 48 -35.54 -44.50 -3.30
C ARG B 48 -36.96 -43.96 -3.46
N ASN B 49 -37.10 -42.64 -3.65
CA ASN B 49 -38.44 -42.03 -3.88
C ASN B 49 -38.82 -41.94 -5.36
N GLY B 50 -37.92 -42.39 -6.23
CA GLY B 50 -38.19 -42.40 -7.67
C GLY B 50 -37.14 -41.71 -8.52
N VAL B 51 -37.19 -41.97 -9.82
CA VAL B 51 -36.36 -41.23 -10.78
C VAL B 51 -36.70 -39.75 -10.65
N GLY B 52 -35.67 -38.91 -10.71
CA GLY B 52 -35.83 -37.46 -10.59
C GLY B 52 -36.13 -36.95 -9.19
N ARG B 53 -35.92 -37.78 -8.17
CA ARG B 53 -36.23 -37.39 -6.79
C ARG B 53 -35.04 -37.48 -5.85
N PRO B 54 -33.93 -36.79 -6.17
CA PRO B 54 -32.84 -36.77 -5.19
C PRO B 54 -33.29 -35.97 -3.97
N GLU B 55 -32.66 -36.25 -2.82
CA GLU B 55 -33.04 -35.64 -1.54
C GLU B 55 -32.00 -34.63 -1.08
N GLY B 56 -30.90 -34.53 -1.82
CA GLY B 56 -29.80 -33.67 -1.39
C GLY B 56 -28.55 -33.95 -2.20
N ILE B 57 -27.43 -33.41 -1.74
CA ILE B 57 -26.18 -33.45 -2.48
C ILE B 57 -25.05 -33.73 -1.49
N VAL B 58 -24.05 -34.50 -1.93
CA VAL B 58 -22.92 -34.90 -1.08
C VAL B 58 -21.66 -34.17 -1.50
N VAL B 59 -20.89 -33.72 -0.50
CA VAL B 59 -19.57 -33.12 -0.73
C VAL B 59 -18.50 -34.19 -0.51
N HIS B 60 -17.80 -34.54 -1.58
CA HIS B 60 -16.65 -35.46 -1.53
C HIS B 60 -15.39 -34.72 -1.97
N ASP B 61 -14.23 -35.26 -1.60
CA ASP B 61 -13.00 -34.89 -2.31
C ASP B 61 -12.39 -36.17 -2.89
N THR B 62 -11.68 -36.03 -4.00
CA THR B 62 -11.19 -37.21 -4.73
C THR B 62 -10.16 -37.97 -3.90
N ALA B 63 -10.08 -39.27 -4.11
CA ALA B 63 -9.25 -40.13 -3.27
C ALA B 63 -7.75 -39.87 -3.39
N ASN B 64 -7.32 -39.36 -4.54
CA ASN B 64 -5.92 -39.16 -4.86
C ASN B 64 -5.60 -37.67 -4.82
N ASP B 65 -4.49 -37.29 -4.19
CA ASP B 65 -4.12 -35.86 -4.13
C ASP B 65 -3.54 -35.36 -5.45
N ASN B 66 -3.10 -36.29 -6.30
CA ASN B 66 -2.33 -35.90 -7.48
C ASN B 66 -2.99 -36.20 -8.82
N SER B 67 -4.29 -36.50 -8.80
CA SER B 67 -5.03 -36.79 -10.05
C SER B 67 -5.57 -35.53 -10.70
N THR B 68 -5.81 -35.59 -12.00
CA THR B 68 -6.49 -34.53 -12.74
C THR B 68 -7.94 -34.93 -12.95
N ILE B 69 -8.78 -33.95 -13.28
CA ILE B 69 -10.19 -34.24 -13.51
C ILE B 69 -10.34 -35.26 -14.66
N ASP B 70 -9.50 -35.15 -15.68
CA ASP B 70 -9.51 -36.09 -16.81
C ASP B 70 -9.11 -37.49 -16.37
N GLY B 71 -8.08 -37.58 -15.52
CA GLY B 71 -7.60 -38.87 -15.00
C GLY B 71 -8.66 -39.54 -14.15
N GLU B 72 -9.29 -38.75 -13.29
CA GLU B 72 -10.38 -39.23 -12.43
C GLU B 72 -11.50 -39.84 -13.26
N ILE B 73 -11.93 -39.12 -14.29
CA ILE B 73 -13.06 -39.56 -15.10
C ILE B 73 -12.70 -40.83 -15.88
N ALA B 74 -11.50 -40.88 -16.47
CA ALA B 74 -11.03 -42.09 -17.17
C ALA B 74 -10.99 -43.30 -16.23
N PHE B 75 -10.44 -43.12 -15.03
CA PHE B 75 -10.36 -44.19 -14.02
C PHE B 75 -11.76 -44.68 -13.65
N MET B 76 -12.68 -43.73 -13.48
CA MET B 76 -14.05 -44.07 -13.10
C MET B 76 -14.78 -44.88 -14.18
N LYS B 77 -14.60 -44.51 -15.45
CA LYS B 77 -15.23 -45.27 -16.54
C LYS B 77 -14.70 -46.70 -16.58
N ARG B 78 -13.42 -46.88 -16.28
CA ARG B 78 -12.82 -48.21 -16.20
C ARG B 78 -13.33 -49.01 -15.01
N ASN B 79 -13.69 -48.32 -13.94
CA ASN B 79 -14.00 -48.98 -12.67
C ASN B 79 -15.40 -48.68 -12.17
N TYR B 80 -16.31 -48.40 -13.10
CA TYR B 80 -17.65 -47.92 -12.73
C TYR B 80 -18.46 -48.92 -11.91
N THR B 81 -18.15 -50.22 -12.01
CA THR B 81 -18.89 -51.21 -11.23
C THR B 81 -18.53 -51.17 -9.75
N ASN B 82 -17.38 -50.57 -9.44
CA ASN B 82 -17.00 -50.33 -8.07
C ASN B 82 -17.56 -49.00 -7.56
N ALA B 83 -17.39 -47.96 -8.37
CA ALA B 83 -17.87 -46.63 -7.99
C ALA B 83 -18.00 -45.72 -9.22
N PHE B 84 -19.04 -44.92 -9.20
CA PHE B 84 -19.12 -43.77 -10.11
C PHE B 84 -19.92 -42.68 -9.42
N VAL B 85 -19.73 -41.45 -9.86
CA VAL B 85 -20.41 -40.31 -9.25
C VAL B 85 -21.08 -39.44 -10.29
N HIS B 86 -21.83 -38.45 -9.83
CA HIS B 86 -22.59 -37.57 -10.74
C HIS B 86 -21.74 -36.49 -11.40
N ALA B 87 -20.76 -35.96 -10.67
CA ALA B 87 -20.01 -34.82 -11.20
C ALA B 87 -18.67 -34.65 -10.51
N PHE B 88 -17.77 -33.99 -11.21
CA PHE B 88 -16.45 -33.58 -10.72
C PHE B 88 -16.30 -32.09 -10.94
N VAL B 89 -15.65 -31.41 -10.00
CA VAL B 89 -15.29 -30.00 -10.22
C VAL B 89 -13.82 -29.81 -9.90
N ASP B 90 -13.15 -28.94 -10.65
CA ASP B 90 -11.80 -28.53 -10.25
C ASP B 90 -11.75 -27.00 -10.34
N GLY B 91 -10.56 -26.43 -10.49
CA GLY B 91 -10.45 -24.97 -10.57
C GLY B 91 -10.90 -24.36 -11.90
N ASN B 92 -11.11 -25.22 -12.92
CA ASN B 92 -11.36 -24.76 -14.29
C ASN B 92 -12.66 -25.28 -14.91
N ARG B 93 -13.13 -26.43 -14.43
CA ARG B 93 -14.24 -27.12 -15.10
C ARG B 93 -15.23 -27.72 -14.10
N ILE B 94 -16.48 -27.88 -14.56
CA ILE B 94 -17.51 -28.60 -13.84
C ILE B 94 -18.02 -29.61 -14.87
N ILE B 95 -17.89 -30.90 -14.55
CA ILE B 95 -18.21 -31.95 -15.54
C ILE B 95 -19.17 -32.94 -14.91
N GLU B 96 -20.38 -33.02 -15.46
CA GLU B 96 -21.37 -33.98 -14.99
C GLU B 96 -21.18 -35.28 -15.75
N THR B 97 -20.91 -36.35 -14.99
CA THR B 97 -20.57 -37.66 -15.53
C THR B 97 -21.71 -38.68 -15.45
N ALA B 98 -22.79 -38.32 -14.76
CA ALA B 98 -23.98 -39.18 -14.74
C ALA B 98 -25.20 -38.31 -14.47
N PRO B 99 -26.34 -38.66 -15.10
CA PRO B 99 -27.53 -37.82 -14.95
C PRO B 99 -28.01 -37.80 -13.50
N THR B 100 -28.32 -36.61 -13.00
CA THR B 100 -28.70 -36.45 -11.60
C THR B 100 -30.10 -36.98 -11.27
N ASP B 101 -30.88 -37.34 -12.29
CA ASP B 101 -32.22 -37.94 -12.06
C ASP B 101 -32.14 -39.38 -11.57
N TYR B 102 -30.97 -39.99 -11.76
CA TYR B 102 -30.74 -41.36 -11.31
C TYR B 102 -29.64 -41.36 -10.27
N LEU B 103 -29.56 -42.42 -9.46
CA LEU B 103 -28.56 -42.45 -8.39
C LEU B 103 -27.14 -42.71 -8.94
N SER B 104 -26.14 -42.54 -8.09
CA SER B 104 -24.79 -43.00 -8.39
C SER B 104 -24.22 -43.80 -7.23
N TRP B 105 -22.98 -44.25 -7.38
CA TRP B 105 -22.36 -45.15 -6.42
C TRP B 105 -21.12 -44.48 -5.84
N GLY B 106 -21.30 -43.66 -4.81
CA GLY B 106 -20.14 -43.07 -4.10
C GLY B 106 -20.26 -42.78 -2.62
N ALA B 107 -21.37 -43.15 -2.00
CA ALA B 107 -21.58 -42.77 -0.60
C ALA B 107 -22.08 -43.92 0.27
N GLY B 108 -21.87 -45.15 -0.17
CA GLY B 108 -22.36 -46.31 0.57
C GLY B 108 -23.84 -46.54 0.29
N PRO B 109 -24.37 -47.67 0.77
CA PRO B 109 -25.72 -48.07 0.38
C PRO B 109 -26.86 -47.14 0.82
N TYR B 110 -26.67 -46.40 1.92
CA TYR B 110 -27.74 -45.53 2.42
C TYR B 110 -27.72 -44.20 1.67
N GLY B 111 -26.53 -43.59 1.60
CA GLY B 111 -26.36 -42.33 0.87
C GLY B 111 -26.73 -42.45 -0.59
N ASN B 112 -26.34 -43.57 -1.24
CA ASN B 112 -26.54 -43.71 -2.67
C ASN B 112 -28.02 -43.67 -3.06
N GLN B 113 -28.90 -44.15 -2.17
CA GLN B 113 -30.34 -44.15 -2.47
C GLN B 113 -30.96 -42.76 -2.46
N ARG B 114 -30.22 -41.76 -1.97
CA ARG B 114 -30.80 -40.47 -1.64
C ARG B 114 -30.18 -39.26 -2.33
N PHE B 115 -28.87 -39.30 -2.56
CA PHE B 115 -28.15 -38.05 -2.85
C PHE B 115 -27.36 -38.00 -4.13
N ILE B 116 -27.20 -36.78 -4.65
CA ILE B 116 -26.31 -36.51 -5.77
C ILE B 116 -24.88 -36.51 -5.22
N ASN B 117 -23.98 -37.25 -5.87
CA ASN B 117 -22.59 -37.39 -5.43
C ASN B 117 -21.67 -36.52 -6.28
N VAL B 118 -21.03 -35.53 -5.64
CA VAL B 118 -20.14 -34.61 -6.36
C VAL B 118 -18.74 -34.61 -5.76
N GLU B 119 -17.75 -34.68 -6.64
CA GLU B 119 -16.34 -34.79 -6.23
C GLU B 119 -15.57 -33.50 -6.47
N ILE B 120 -14.84 -33.06 -5.45
CA ILE B 120 -13.88 -31.97 -5.56
C ILE B 120 -12.51 -32.55 -5.90
N VAL B 121 -12.04 -32.25 -7.11
CA VAL B 121 -10.69 -32.65 -7.54
C VAL B 121 -9.68 -31.77 -6.80
N HIS B 122 -8.58 -32.37 -6.36
CA HIS B 122 -7.58 -31.62 -5.60
C HIS B 122 -6.87 -30.56 -6.45
N THR B 123 -6.51 -29.46 -5.80
CA THR B 123 -5.80 -28.36 -6.45
C THR B 123 -4.56 -28.02 -5.64
N HIS B 124 -3.65 -27.25 -6.25
CA HIS B 124 -2.31 -27.12 -5.70
C HIS B 124 -1.78 -25.68 -5.69
N ASP B 125 -2.71 -24.73 -5.76
CA ASP B 125 -2.39 -23.31 -5.55
C ASP B 125 -3.63 -22.58 -5.00
N TYR B 126 -3.39 -21.44 -4.37
CA TYR B 126 -4.44 -20.66 -3.70
C TYR B 126 -5.61 -20.31 -4.62
N ASP B 127 -5.32 -19.76 -5.79
CA ASP B 127 -6.40 -19.32 -6.67
C ASP B 127 -7.22 -20.49 -7.21
N SER B 128 -6.53 -21.55 -7.63
CA SER B 128 -7.23 -22.73 -8.17
CA SER B 128 -7.20 -22.74 -8.16
C SER B 128 -8.09 -23.38 -7.09
N PHE B 129 -7.60 -23.41 -5.86
CA PHE B 129 -8.42 -23.96 -4.76
C PHE B 129 -9.68 -23.12 -4.57
N ALA B 130 -9.51 -21.80 -4.51
CA ALA B 130 -10.63 -20.87 -4.38
C ALA B 130 -11.66 -21.06 -5.51
N ARG B 131 -11.18 -21.14 -6.76
CA ARG B 131 -12.07 -21.39 -7.90
C ARG B 131 -12.81 -22.73 -7.74
N SER B 132 -12.12 -23.75 -7.24
CA SER B 132 -12.78 -25.07 -7.09
C SER B 132 -13.90 -25.03 -6.05
N MET B 133 -13.73 -24.21 -5.02
CA MET B 133 -14.75 -24.03 -3.98
C MET B 133 -15.94 -23.29 -4.57
N ASN B 134 -15.65 -22.21 -5.30
CA ASN B 134 -16.71 -21.48 -6.02
C ASN B 134 -17.46 -22.42 -6.96
N ASN B 135 -16.72 -23.27 -7.67
CA ASN B 135 -17.31 -24.19 -8.65
C ASN B 135 -18.18 -25.25 -8.00
N TYR B 136 -17.68 -25.84 -6.91
CA TYR B 136 -18.50 -26.79 -6.14
C TYR B 136 -19.79 -26.10 -5.68
N ALA B 137 -19.64 -24.93 -5.06
CA ALA B 137 -20.79 -24.24 -4.48
C ALA B 137 -21.80 -23.86 -5.57
N ASP B 138 -21.29 -23.46 -6.73
CA ASP B 138 -22.18 -23.07 -7.83
C ASP B 138 -22.95 -24.29 -8.35
N TYR B 139 -22.24 -25.37 -8.60
CA TYR B 139 -22.91 -26.61 -9.05
C TYR B 139 -23.96 -27.04 -8.03
N ALA B 140 -23.59 -27.06 -6.74
CA ALA B 140 -24.53 -27.48 -5.69
C ALA B 140 -25.79 -26.60 -5.65
N ALA B 141 -25.60 -25.28 -5.65
CA ALA B 141 -26.73 -24.36 -5.65
C ALA B 141 -27.63 -24.54 -6.90
N THR B 142 -27.01 -24.80 -8.04
CA THR B 142 -27.74 -25.07 -9.28
C THR B 142 -28.63 -26.31 -9.12
N GLN B 143 -28.06 -27.38 -8.57
CA GLN B 143 -28.85 -28.62 -8.39
C GLN B 143 -30.00 -28.42 -7.40
N LEU B 144 -29.73 -27.71 -6.30
CA LEU B 144 -30.78 -27.47 -5.30
C LEU B 144 -31.92 -26.68 -5.94
N GLN B 145 -31.56 -25.66 -6.72
CA GLN B 145 -32.57 -24.86 -7.41
C GLN B 145 -33.37 -25.70 -8.41
N TYR B 146 -32.65 -26.48 -9.22
CA TYR B 146 -33.30 -27.28 -10.26
C TYR B 146 -34.30 -28.30 -9.68
N TYR B 147 -33.94 -28.90 -8.54
CA TYR B 147 -34.77 -29.93 -7.88
C TYR B 147 -35.72 -29.36 -6.83
N ASN B 148 -35.82 -28.03 -6.80
CA ASN B 148 -36.71 -27.35 -5.87
CA ASN B 148 -36.69 -27.33 -5.84
C ASN B 148 -36.45 -27.82 -4.42
N LEU B 149 -35.16 -27.91 -4.07
CA LEU B 149 -34.73 -28.23 -2.73
C LEU B 149 -34.17 -26.93 -2.15
N LYS B 150 -34.25 -26.78 -0.84
CA LYS B 150 -33.63 -25.65 -0.17
C LYS B 150 -32.40 -26.10 0.61
N PRO B 151 -31.34 -25.27 0.63
CA PRO B 151 -30.11 -25.66 1.34
C PRO B 151 -30.34 -25.79 2.84
N ASP B 152 -29.88 -26.90 3.40
CA ASP B 152 -29.98 -27.17 4.84
C ASP B 152 -28.86 -28.14 5.16
N SER B 153 -27.91 -27.70 5.99
CA SER B 153 -26.74 -28.52 6.31
C SER B 153 -27.06 -29.65 7.26
N ALA B 154 -26.65 -30.87 6.89
CA ALA B 154 -26.89 -32.06 7.72
C ALA B 154 -25.77 -32.34 8.73
N GLU B 155 -24.78 -31.45 8.82
CA GLU B 155 -23.54 -31.77 9.52
C GLU B 155 -23.72 -32.11 11.00
N ASN B 156 -24.66 -31.42 11.65
CA ASN B 156 -24.78 -31.51 13.11
C ASN B 156 -25.94 -32.38 13.61
N ASP B 157 -26.93 -32.60 12.75
CA ASP B 157 -28.10 -33.39 13.18
C ASP B 157 -28.60 -34.44 12.18
N GLY B 158 -27.88 -34.63 11.08
CA GLY B 158 -28.25 -35.67 10.10
C GLY B 158 -29.58 -35.43 9.42
N ARG B 159 -29.95 -34.15 9.26
CA ARG B 159 -31.16 -33.77 8.55
C ARG B 159 -30.80 -32.66 7.57
N GLY B 160 -31.34 -32.73 6.36
CA GLY B 160 -31.11 -31.66 5.41
C GLY B 160 -30.77 -32.14 4.01
N THR B 161 -30.26 -31.20 3.22
CA THR B 161 -30.06 -31.39 1.79
C THR B 161 -28.60 -31.26 1.36
N VAL B 162 -27.74 -30.81 2.26
CA VAL B 162 -26.30 -30.71 1.95
C VAL B 162 -25.54 -31.53 2.97
N TRP B 163 -24.87 -32.58 2.48
CA TRP B 163 -24.22 -33.58 3.31
C TRP B 163 -22.76 -33.69 2.94
N THR B 164 -21.85 -33.61 3.92
CA THR B 164 -20.49 -34.11 3.69
C THR B 164 -20.56 -35.64 3.70
N HIS B 165 -19.59 -36.29 3.07
CA HIS B 165 -19.45 -37.74 3.25
C HIS B 165 -19.33 -38.07 4.76
N ALA B 166 -18.60 -37.22 5.50
CA ALA B 166 -18.47 -37.42 6.95
C ALA B 166 -19.84 -37.50 7.65
N ALA B 167 -20.77 -36.63 7.27
CA ALA B 167 -22.11 -36.61 7.86
C ALA B 167 -22.88 -37.90 7.53
N ILE B 168 -22.73 -38.39 6.31
CA ILE B 168 -23.34 -39.66 5.95
C ILE B 168 -22.79 -40.78 6.84
N SER B 169 -21.47 -40.83 6.96
CA SER B 169 -20.82 -41.83 7.82
C SER B 169 -21.34 -41.77 9.25
N ASN B 170 -21.48 -40.55 9.78
CA ASN B 170 -21.88 -40.37 11.17
CA ASN B 170 -21.90 -40.33 11.17
C ASN B 170 -23.36 -40.66 11.44
N PHE B 171 -24.24 -40.21 10.54
CA PHE B 171 -25.68 -40.28 10.81
C PHE B 171 -26.40 -41.42 10.11
N LEU B 172 -25.90 -41.82 8.94
CA LEU B 172 -26.54 -42.89 8.18
C LEU B 172 -25.77 -44.21 8.21
N GLY B 173 -24.45 -44.15 8.29
CA GLY B 173 -23.64 -45.37 8.27
C GLY B 173 -23.54 -45.92 6.85
N GLY B 174 -23.11 -47.18 6.72
CA GLY B 174 -22.90 -47.80 5.40
C GLY B 174 -21.58 -47.39 4.77
N THR B 175 -20.86 -46.50 5.46
CA THR B 175 -19.59 -45.94 4.96
C THR B 175 -18.92 -45.26 6.15
N ASP B 176 -17.60 -45.06 6.06
CA ASP B 176 -16.87 -44.42 7.14
C ASP B 176 -16.00 -43.26 6.68
N HIS B 177 -16.05 -42.90 5.39
CA HIS B 177 -15.18 -41.83 4.89
C HIS B 177 -15.54 -40.51 5.54
N ALA B 178 -14.53 -39.69 5.82
CA ALA B 178 -14.74 -38.43 6.54
C ALA B 178 -14.45 -37.21 5.66
N ASP B 179 -14.37 -37.42 4.35
CA ASP B 179 -14.19 -36.29 3.44
C ASP B 179 -15.41 -35.35 3.51
N PRO B 180 -15.21 -34.06 3.20
CA PRO B 180 -13.99 -33.39 2.75
C PRO B 180 -13.20 -32.63 3.83
N HIS B 181 -13.47 -32.90 5.10
CA HIS B 181 -12.98 -32.03 6.18
C HIS B 181 -11.48 -31.82 6.21
N GLN B 182 -10.72 -32.92 6.24
CA GLN B 182 -9.25 -32.80 6.32
C GLN B 182 -8.71 -32.15 5.05
N TYR B 183 -9.28 -32.51 3.90
CA TYR B 183 -8.88 -31.88 2.64
C TYR B 183 -9.03 -30.35 2.71
N LEU B 184 -10.22 -29.89 3.12
CA LEU B 184 -10.46 -28.44 3.21
C LEU B 184 -9.55 -27.77 4.24
N ARG B 185 -9.37 -28.42 5.40
CA ARG B 185 -8.46 -27.95 6.44
CA ARG B 185 -8.46 -27.91 6.43
C ARG B 185 -7.04 -27.73 5.91
N SER B 186 -6.59 -28.66 5.08
CA SER B 186 -5.22 -28.63 4.53
C SER B 186 -5.03 -27.43 3.60
N HIS B 187 -6.14 -26.84 3.15
CA HIS B 187 -6.10 -25.64 2.31
C HIS B 187 -6.59 -24.40 3.06
N ASN B 188 -6.54 -24.46 4.39
CA ASN B 188 -6.95 -23.35 5.29
C ASN B 188 -8.42 -22.95 5.12
N TYR B 189 -9.26 -23.95 4.84
CA TYR B 189 -10.66 -23.73 4.57
C TYR B 189 -11.46 -24.71 5.43
N SER B 190 -12.78 -24.76 5.25
CA SER B 190 -13.62 -25.60 6.09
C SER B 190 -14.96 -25.83 5.42
N TYR B 191 -15.64 -26.89 5.83
CA TYR B 191 -16.99 -27.15 5.34
C TYR B 191 -17.96 -26.01 5.73
N ALA B 192 -17.81 -25.47 6.95
CA ALA B 192 -18.67 -24.35 7.37
C ALA B 192 -18.59 -23.21 6.35
N GLU B 193 -17.40 -22.92 5.87
CA GLU B 193 -17.20 -21.85 4.89
C GLU B 193 -17.81 -22.23 3.53
N LEU B 194 -17.59 -23.48 3.11
CA LEU B 194 -18.17 -23.97 1.87
C LEU B 194 -19.69 -23.86 1.92
N TYR B 195 -20.31 -24.29 3.02
CA TYR B 195 -21.76 -24.24 3.14
C TYR B 195 -22.28 -22.81 3.07
N ASP B 196 -21.60 -21.89 3.73
CA ASP B 196 -21.99 -20.49 3.66
C ASP B 196 -21.98 -19.99 2.20
N LEU B 197 -21.00 -20.46 1.42
CA LEU B 197 -20.91 -20.09 0.00
C LEU B 197 -22.04 -20.74 -0.83
N ILE B 198 -22.33 -22.01 -0.57
CA ILE B 198 -23.47 -22.68 -1.21
C ILE B 198 -24.78 -21.92 -0.92
N TYR B 199 -24.95 -21.56 0.34
CA TYR B 199 -26.16 -20.88 0.79
C TYR B 199 -26.33 -19.55 0.06
N GLU B 200 -25.28 -18.73 0.05
CA GLU B 200 -25.33 -17.46 -0.68
C GLU B 200 -25.66 -17.65 -2.16
N LYS B 201 -24.98 -18.59 -2.81
CA LYS B 201 -25.17 -18.80 -4.23
C LYS B 201 -26.59 -19.23 -4.54
N TYR B 202 -27.16 -20.07 -3.66
CA TYR B 202 -28.57 -20.44 -3.78
C TYR B 202 -29.48 -19.20 -3.70
N LEU B 203 -29.20 -18.30 -2.75
CA LEU B 203 -29.99 -17.08 -2.62
C LEU B 203 -29.82 -16.14 -3.82
N ILE B 204 -28.63 -16.12 -4.42
CA ILE B 204 -28.39 -15.30 -5.62
C ILE B 204 -29.18 -15.87 -6.80
N LYS B 205 -29.09 -17.18 -7.00
CA LYS B 205 -29.78 -17.84 -8.10
C LYS B 205 -31.30 -17.72 -8.01
N THR B 206 -31.84 -17.71 -6.79
CA THR B 206 -33.28 -17.61 -6.57
C THR B 206 -33.73 -16.16 -6.38
N LYS B 207 -32.86 -15.21 -6.71
CA LYS B 207 -33.17 -13.77 -6.72
C LYS B 207 -33.60 -13.22 -5.36
N GLN B 208 -32.92 -13.67 -4.30
CA GLN B 208 -33.23 -13.23 -2.95
C GLN B 208 -32.19 -12.27 -2.39
N VAL B 209 -30.95 -12.38 -2.88
CA VAL B 209 -29.88 -11.45 -2.54
C VAL B 209 -29.15 -11.02 -3.80
N ALA B 210 -28.41 -9.93 -3.71
CA ALA B 210 -27.70 -9.34 -4.84
C ALA B 210 -26.56 -10.21 -5.37
N PRO B 211 -26.42 -10.29 -6.71
CA PRO B 211 -25.25 -10.94 -7.31
C PRO B 211 -23.97 -10.17 -7.02
N TRP B 212 -22.82 -10.82 -7.24
CA TRP B 212 -21.55 -10.17 -6.99
C TRP B 212 -21.19 -9.19 -8.11
N GLY B 213 -20.16 -8.39 -7.88
CA GLY B 213 -19.70 -7.43 -8.89
C GLY B 213 -20.15 -6.02 -8.59
N1 IMD C . 35.36 21.38 12.85
C2 IMD C . 36.45 22.11 13.19
N3 IMD C . 36.85 22.81 12.11
C4 IMD C . 36.01 22.54 11.08
C5 IMD C . 35.07 21.62 11.55
ZN ZN D . 29.52 27.39 9.21
ZN ZN E . 30.99 25.24 11.53
ZN ZN F . 29.29 35.21 -10.15
ZN ZN G . 11.82 43.50 15.59
ZN ZN H . 14.88 40.44 9.75
ZN ZN I . 21.83 12.16 11.43
ZN ZN J . 19.59 11.34 11.26
C1 BU1 K . 21.96 22.00 22.00
C2 BU1 K . 22.47 22.86 20.86
C3 BU1 K . 23.90 22.49 20.49
C4 BU1 K . 24.62 23.70 19.91
O5 BU1 K . 21.38 20.82 21.44
O6 BU1 K . 25.82 23.27 19.26
N1 IMD L . -11.50 -45.30 4.73
C2 IMD L . -10.43 -45.55 3.94
N3 IMD L . -9.89 -44.36 3.57
C4 IMD L . -10.62 -43.36 4.11
C5 IMD L . -11.64 -43.95 4.85
ZN ZN M . -16.47 -39.23 -0.15
ZN ZN N . -13.70 -41.36 0.10
ZN ZN O . -12.81 -46.55 5.51
ZN ZN P . -9.59 -37.03 0.46
ZN ZN Q . -30.87 -27.80 9.59
ZN ZN R . -1.11 -31.73 -2.54
ZN ZN S . -0.04 -30.19 -3.85
C1 BU1 T . -12.40 -43.31 -2.54
C2 BU1 T . -11.76 -44.54 -1.91
C3 BU1 T . -10.27 -44.43 -1.58
C4 BU1 T . -10.05 -44.32 -0.07
O5 BU1 T . -12.78 -42.41 -1.50
O6 BU1 T . -8.98 -45.15 0.37
C1 BU1 U . -8.57 -42.67 -8.77
C2 BU1 U . -8.27 -41.62 -9.81
C3 BU1 U . -7.15 -42.05 -10.73
C4 BU1 U . -5.96 -41.12 -10.61
O5 BU1 U . -8.53 -42.08 -7.46
O6 BU1 U . -5.60 -40.62 -11.91
CL CL V . -11.47 -40.30 5.60
#